data_8KHT
#
_entry.id   8KHT
#
_cell.length_a   56.740
_cell.length_b   89.070
_cell.length_c   63.510
_cell.angle_alpha   90.000
_cell.angle_beta   90.026
_cell.angle_gamma   90.000
#
_symmetry.space_group_name_H-M   'P 1 21 1'
#
loop_
_entity.id
_entity.type
_entity.pdbx_description
1 polymer Oxidoreductase
2 non-polymer 'FE (II) ION'
3 non-polymer '(3R)-3-(2-hydroxy-2-oxoethylamino)decanoic acid'
4 water water
#
_entity_poly.entity_id   1
_entity_poly.type   'polypeptide(L)'
_entity_poly.pdbx_seq_one_letter_code
;HHHHHHSSGLVPRGSHMTLKVKGEGLGAQVTGVDPKNLDDITTDEIRDIVYTNKLVVLKDVHPSPREFIKLGRIIGQIVP
YYEPMYHHEDHPEIFVSSTEEGQGVPKTGAFWHIDYMFMPEPFAFSMVLPLAVPGHDRGTYFIDLARVWQSLPAAKRDPA
RGTVSTHDPRRHIKIRPSDVYRPIGEVWDEINRTTPPIKWPTVIRHPKTGQEILYICATGTTKIEDKDGNPVDPEVLQEL
MAATGQLDPEYQSPFIHTQHYQVGDIILWDNRVLMHRAKHGSAAGTLTTYRLTMLDGLKTPGYAA
;
_entity_poly.pdbx_strand_id   A,B
#
loop_
_chem_comp.id
_chem_comp.type
_chem_comp.name
_chem_comp.formula
FE2 non-polymer 'FE (II) ION' 'Fe 2'
VY9 non-polymer '(3R)-3-(2-hydroxy-2-oxoethylamino)decanoic acid' 'C12 H23 N O4'
#
# COMPACT_ATOMS: atom_id res chain seq x y z
N MET A 17 13.28 -3.48 33.85
CA MET A 17 14.31 -3.90 34.79
C MET A 17 15.23 -2.73 35.13
N THR A 18 15.65 -2.01 34.09
CA THR A 18 16.58 -0.89 34.23
C THR A 18 15.87 0.44 34.34
N LEU A 19 14.67 0.54 33.79
CA LEU A 19 13.94 1.79 33.76
C LEU A 19 12.87 1.81 34.84
N LYS A 20 12.66 2.98 35.44
CA LYS A 20 11.71 3.19 36.51
C LYS A 20 10.63 4.16 36.05
N VAL A 21 9.37 3.74 36.17
CA VAL A 21 8.21 4.48 35.66
C VAL A 21 7.51 5.17 36.82
N LYS A 22 7.41 6.49 36.79
CA LYS A 22 6.66 7.25 37.77
C LYS A 22 5.28 7.58 37.23
N GLY A 23 4.26 7.07 37.90
CA GLY A 23 2.91 7.27 37.44
C GLY A 23 2.46 6.13 36.54
N GLU A 24 1.29 6.36 35.96
CA GLU A 24 0.70 5.44 35.02
C GLU A 24 -0.18 6.24 34.09
N GLY A 25 -0.22 5.84 32.83
CA GLY A 25 -1.08 6.47 31.86
C GLY A 25 -0.41 7.60 31.13
N LEU A 26 -1.25 8.39 30.45
CA LEU A 26 -0.76 9.43 29.57
C LEU A 26 0.15 10.39 30.31
N GLY A 27 1.43 10.40 29.93
CA GLY A 27 2.40 11.32 30.49
C GLY A 27 3.33 10.74 31.53
N ALA A 28 3.22 9.44 31.82
CA ALA A 28 4.08 8.80 32.80
C ALA A 28 5.55 9.17 32.57
N GLN A 29 6.28 9.32 33.66
CA GLN A 29 7.66 9.80 33.61
C GLN A 29 8.61 8.63 33.78
N VAL A 30 9.61 8.54 32.89
CA VAL A 30 10.57 7.45 32.88
C VAL A 30 11.95 7.99 33.22
N THR A 31 12.58 7.40 34.25
CA THR A 31 13.87 7.87 34.76
C THR A 31 14.98 6.84 34.58
N VAL A 33 16.89 6.83 31.52
CA VAL A 33 17.42 6.77 30.17
C VAL A 33 18.64 7.68 30.07
N ASP A 34 19.80 7.07 29.88
CA ASP A 34 21.03 7.82 29.71
C ASP A 34 21.68 7.40 28.41
N PRO A 35 22.19 8.37 27.64
CA PRO A 35 22.81 8.09 26.33
C PRO A 35 23.60 6.78 26.16
N LYS A 36 23.88 6.07 27.26
CA LYS A 36 24.51 4.76 27.17
C LYS A 36 23.44 3.69 27.44
N ASN A 37 22.67 3.43 26.37
CA ASN A 37 21.43 2.69 26.45
C ASN A 37 21.45 1.35 25.73
N LEU A 38 22.50 1.06 24.96
CA LEU A 38 22.54 -0.27 24.37
C LEU A 38 22.72 -1.33 25.43
N ASP A 39 23.05 -0.93 26.65
CA ASP A 39 23.19 -1.85 27.77
C ASP A 39 21.83 -2.39 28.14
N ASP A 40 21.41 -2.10 29.38
CA ASP A 40 20.30 -2.83 29.96
C ASP A 40 18.96 -2.51 29.30
N ILE A 41 18.87 -1.40 28.55
CA ILE A 41 17.63 -1.04 27.87
C ILE A 41 17.33 -2.06 26.78
N THR A 42 16.39 -2.95 27.04
CA THR A 42 16.03 -3.88 25.99
C THR A 42 14.83 -3.36 25.21
N THR A 43 14.64 -3.92 24.02
CA THR A 43 13.52 -3.50 23.19
C THR A 43 12.18 -3.89 23.83
N ASP A 44 12.08 -5.12 24.37
CA ASP A 44 10.83 -5.54 24.99
C ASP A 44 10.53 -4.74 26.26
N GLU A 45 11.56 -4.29 26.99
CA GLU A 45 11.34 -3.45 28.16
C GLU A 45 10.67 -2.14 27.78
N ILE A 46 11.27 -1.43 26.80
CA ILE A 46 10.79 -0.10 26.50
C ILE A 46 9.50 -0.16 25.70
N ARG A 47 9.30 -1.21 24.90
CA ARG A 47 8.03 -1.37 24.21
C ARG A 47 6.89 -1.56 25.20
N ASP A 48 7.05 -2.52 26.14
CA ASP A 48 5.95 -2.80 27.05
C ASP A 48 5.58 -1.57 27.85
N ILE A 49 6.54 -0.69 28.13
CA ILE A 49 6.24 0.58 28.78
C ILE A 49 5.36 1.45 27.89
N VAL A 50 5.68 1.55 26.60
CA VAL A 50 4.91 2.42 25.72
C VAL A 50 3.52 1.84 25.47
N TYR A 51 3.45 0.54 25.18
CA TYR A 51 2.16 -0.12 25.00
C TYR A 51 1.28 0.07 26.22
N THR A 52 1.88 0.04 27.41
CA THR A 52 1.10 0.06 28.64
C THR A 52 0.55 1.44 28.92
N ASN A 53 1.43 2.45 28.93
CA ASN A 53 1.07 3.81 29.29
C ASN A 53 0.64 4.68 28.11
N LYS A 54 0.89 4.23 26.88
CA LYS A 54 0.51 4.89 25.62
C LYS A 54 1.34 6.14 25.35
N LEU A 55 1.53 7.00 26.35
CA LEU A 55 2.42 8.16 26.22
C LEU A 55 3.30 8.25 27.46
N VAL A 56 4.64 8.25 27.24
CA VAL A 56 5.61 8.39 28.32
C VAL A 56 6.60 9.51 27.97
N VAL A 57 7.21 10.09 29.01
CA VAL A 57 8.31 11.03 28.88
C VAL A 57 9.60 10.36 29.36
N LEU A 58 10.60 10.29 28.49
CA LEU A 58 11.94 9.89 28.91
C LEU A 58 12.63 11.13 29.47
N LYS A 59 12.77 11.20 30.81
CA LYS A 59 13.16 12.42 31.49
C LYS A 59 14.63 12.77 31.26
N ASP A 60 14.90 14.06 31.07
CA ASP A 60 16.25 14.64 31.15
C ASP A 60 17.30 13.88 30.34
N VAL A 61 16.89 13.16 29.30
CA VAL A 61 17.86 12.61 28.36
C VAL A 61 18.31 13.75 27.46
N HIS A 62 19.58 14.05 27.47
CA HIS A 62 19.91 15.13 26.55
C HIS A 62 20.74 14.54 25.42
N PRO A 63 20.14 13.70 24.58
CA PRO A 63 20.95 12.88 23.68
C PRO A 63 21.51 13.70 22.54
N SER A 64 22.58 13.18 21.96
CA SER A 64 23.09 13.73 20.72
C SER A 64 22.27 13.14 19.58
N PRO A 65 22.28 13.80 18.41
CA PRO A 65 21.56 13.20 17.27
C PRO A 65 21.88 11.74 17.06
N ARG A 66 23.15 11.35 17.23
CA ARG A 66 23.52 9.95 17.03
C ARG A 66 22.97 9.07 18.14
N GLU A 67 22.90 9.58 19.36
CA GLU A 67 22.39 8.78 20.46
C GLU A 67 20.88 8.59 20.34
N PHE A 68 20.15 9.67 19.99
CA PHE A 68 18.73 9.57 19.67
C PHE A 68 18.45 8.40 18.74
N ILE A 69 19.21 8.31 17.66
CA ILE A 69 19.01 7.26 16.65
C ILE A 69 19.23 5.89 17.26
N LYS A 70 20.31 5.73 18.02
CA LYS A 70 20.54 4.49 18.73
C LYS A 70 19.34 4.10 19.57
N LEU A 71 18.78 5.07 20.31
CA LEU A 71 17.56 4.79 21.09
C LEU A 71 16.41 4.37 20.19
N GLY A 72 16.22 5.10 19.08
CA GLY A 72 15.21 4.72 18.12
C GLY A 72 15.36 3.30 17.61
N ARG A 73 16.60 2.90 17.29
CA ARG A 73 16.81 1.57 16.73
C ARG A 73 16.49 0.49 17.76
N ILE A 74 16.81 0.74 19.04
CA ILE A 74 16.37 -0.18 20.09
C ILE A 74 14.85 -0.32 20.08
N ILE A 75 14.15 0.82 19.95
CA ILE A 75 12.69 0.80 20.00
C ILE A 75 12.14 -0.03 18.84
N GLY A 76 12.70 0.17 17.64
CA GLY A 76 12.33 -0.65 16.52
C GLY A 76 12.95 -0.10 15.23
N GLN A 77 12.40 -0.54 14.11
CA GLN A 77 12.94 -0.20 12.79
C GLN A 77 12.62 1.26 12.44
N ILE A 78 13.65 2.10 12.36
CA ILE A 78 13.45 3.52 12.08
C ILE A 78 13.04 3.70 10.62
N VAL A 79 12.01 4.51 10.38
CA VAL A 79 11.60 4.84 9.02
C VAL A 79 11.81 6.33 8.78
N PRO A 80 12.70 6.71 7.86
CA PRO A 80 12.83 8.13 7.52
C PRO A 80 11.56 8.63 6.87
N TYR A 81 11.27 9.92 7.04
CA TYR A 81 10.12 10.49 6.37
C TYR A 81 10.36 10.51 4.86
N TYR A 82 9.33 10.19 4.08
CA TYR A 82 9.52 10.05 2.64
C TYR A 82 10.01 11.35 1.99
N GLU A 83 9.63 12.50 2.53
CA GLU A 83 9.91 13.78 1.88
C GLU A 83 11.18 14.40 2.49
N PRO A 84 12.26 14.57 1.73
CA PRO A 84 13.55 14.93 2.37
C PRO A 84 13.66 16.38 2.87
N MET A 85 12.78 17.30 2.47
CA MET A 85 12.92 18.64 3.04
C MET A 85 12.72 18.61 4.55
N TYR A 86 12.14 17.54 5.09
CA TYR A 86 11.96 17.37 6.53
C TYR A 86 13.19 16.80 7.22
N HIS A 87 14.14 16.28 6.45
CA HIS A 87 15.29 15.60 7.03
C HIS A 87 16.24 16.56 7.74
N HIS A 88 16.78 16.09 8.87
CA HIS A 88 17.93 16.77 9.48
C HIS A 88 19.10 16.83 8.50
N GLU A 89 19.79 17.96 8.51
CA GLU A 89 20.96 18.19 7.65
C GLU A 89 21.86 16.96 7.53
N ASP A 90 22.16 16.32 8.66
CA ASP A 90 23.13 15.24 8.73
C ASP A 90 22.52 13.85 8.89
N HIS A 91 21.22 13.72 9.22
CA HIS A 91 20.66 12.38 9.35
C HIS A 91 19.28 12.28 8.70
N PRO A 92 19.12 11.47 7.65
CA PRO A 92 17.79 11.33 7.04
C PRO A 92 16.73 10.83 8.03
N GLU A 93 17.13 10.05 9.03
CA GLU A 93 16.19 9.47 9.97
C GLU A 93 15.40 10.53 10.75
N ILE A 94 15.95 11.72 10.95
CA ILE A 94 15.36 12.69 11.85
C ILE A 94 14.51 13.68 11.07
N PHE A 95 13.24 13.74 11.44
CA PHE A 95 12.25 14.67 10.93
C PHE A 95 12.33 15.93 11.78
N VAL A 96 12.61 17.07 11.14
CA VAL A 96 12.95 18.30 11.88
C VAL A 96 11.84 19.32 11.72
N SER A 97 11.26 19.76 12.83
N SER A 97 11.25 19.73 12.84
CA SER A 97 10.30 20.85 12.86
CA SER A 97 10.31 20.84 12.90
C SER A 97 10.92 22.01 13.63
C SER A 97 11.00 22.00 13.62
N SER A 98 11.09 23.14 12.95
CA SER A 98 11.75 24.29 13.56
C SER A 98 11.26 25.59 12.96
N THR A 99 11.25 26.62 13.80
CA THR A 99 11.02 28.00 13.39
C THR A 99 12.21 28.63 12.67
N GLU A 100 13.34 27.95 12.60
CA GLU A 100 14.60 28.54 12.12
C GLU A 100 14.83 28.20 10.66
N GLU A 101 15.07 29.25 9.85
CA GLU A 101 15.23 29.09 8.41
C GLU A 101 16.33 28.09 8.08
N GLY A 102 16.03 27.15 7.20
CA GLY A 102 16.99 26.14 6.80
C GLY A 102 17.07 24.92 7.67
N GLN A 103 16.24 24.82 8.71
CA GLN A 103 16.25 23.65 9.58
C GLN A 103 14.88 23.00 9.47
N GLY A 104 14.79 21.96 8.63
CA GLY A 104 13.54 21.22 8.50
C GLY A 104 12.41 22.09 8.00
N VAL A 105 11.23 21.92 8.62
CA VAL A 105 10.01 22.55 8.12
C VAL A 105 9.30 23.26 9.26
N PRO A 106 8.88 24.49 9.08
CA PRO A 106 8.14 25.17 10.14
C PRO A 106 6.68 24.73 10.20
N LYS A 107 6.16 24.68 11.41
CA LYS A 107 4.74 24.58 11.66
C LYS A 107 4.17 23.28 11.10
N THR A 108 4.81 22.18 11.50
CA THR A 108 4.31 20.84 11.17
C THR A 108 3.25 20.40 12.16
N GLY A 109 2.36 19.53 11.69
CA GLY A 109 1.34 18.93 12.54
C GLY A 109 0.38 19.90 13.21
N ALA A 110 -0.07 20.93 12.51
CA ALA A 110 -1.06 21.85 13.10
C ALA A 110 -2.48 21.37 12.89
N PHE A 111 -2.73 20.08 13.07
CA PHE A 111 -4.00 19.48 12.73
C PHE A 111 -3.98 18.08 13.32
N TRP A 112 -5.14 17.57 13.70
CA TRP A 112 -5.17 16.23 14.26
C TRP A 112 -4.73 15.23 13.21
N HIS A 113 -3.91 14.27 13.62
CA HIS A 113 -3.45 13.24 12.70
C HIS A 113 -2.71 12.16 13.50
N ILE A 114 -2.50 11.02 12.83
CA ILE A 114 -1.61 9.96 13.26
C ILE A 114 -0.45 9.91 12.26
N ASP A 115 0.77 9.71 12.75
CA ASP A 115 1.92 9.79 11.86
C ASP A 115 1.89 8.67 10.81
N TYR A 116 2.07 9.05 9.55
CA TYR A 116 2.03 8.10 8.43
C TYR A 116 0.72 7.31 8.41
N MET A 117 -0.36 7.90 8.95
CA MET A 117 -1.67 7.26 8.84
C MET A 117 -2.06 6.97 7.38
N PHE A 118 -1.50 7.72 6.43
CA PHE A 118 -1.84 7.65 5.02
C PHE A 118 -0.89 6.78 4.19
N MET A 119 0.15 6.20 4.79
CA MET A 119 1.12 5.38 4.09
C MET A 119 0.79 3.90 4.27
N PRO A 120 1.39 3.03 3.44
CA PRO A 120 1.10 1.59 3.56
C PRO A 120 1.49 0.96 4.89
N GLU A 121 2.43 1.54 5.64
CA GLU A 121 2.84 0.99 6.94
C GLU A 121 2.90 2.10 7.98
N PRO A 122 1.77 2.43 8.62
CA PRO A 122 1.80 3.42 9.70
C PRO A 122 2.72 2.99 10.84
N PHE A 123 3.40 3.96 11.44
CA PHE A 123 4.39 3.71 12.47
C PHE A 123 3.75 3.13 13.73
N ALA A 124 4.56 2.41 14.51
CA ALA A 124 4.07 1.92 15.80
C ALA A 124 4.37 2.91 16.91
N PHE A 125 5.45 3.67 16.77
CA PHE A 125 5.96 4.56 17.81
C PHE A 125 6.48 5.82 17.17
N SER A 126 6.13 6.95 17.77
CA SER A 126 6.71 8.23 17.42
C SER A 126 7.44 8.77 18.64
N MET A 127 8.57 9.43 18.39
CA MET A 127 9.41 9.91 19.46
C MET A 127 9.87 11.31 19.09
N VAL A 128 9.72 12.23 20.03
CA VAL A 128 10.05 13.63 19.80
C VAL A 128 10.99 14.12 20.90
N LEU A 129 12.10 14.71 20.50
CA LEU A 129 13.04 15.41 21.36
C LEU A 129 12.93 16.91 21.09
N PRO A 130 12.50 17.72 22.06
CA PRO A 130 12.53 19.18 21.86
C PRO A 130 13.91 19.72 22.18
N LEU A 131 14.53 20.36 21.20
CA LEU A 131 15.87 20.92 21.36
C LEU A 131 15.85 22.37 21.80
N ALA A 132 14.77 23.08 21.53
CA ALA A 132 14.65 24.49 21.92
C ALA A 132 13.17 24.82 21.96
N VAL A 133 12.68 25.24 23.13
CA VAL A 133 11.26 25.55 23.27
C VAL A 133 11.12 26.97 23.82
N PRO A 134 10.23 27.76 23.27
CA PRO A 134 9.98 29.08 23.86
C PRO A 134 8.85 29.04 24.86
N GLY A 135 9.18 29.16 26.14
CA GLY A 135 8.16 29.27 27.16
C GLY A 135 7.77 27.95 27.79
N HIS A 136 6.52 27.86 28.25
CA HIS A 136 6.04 26.70 28.95
C HIS A 136 4.70 26.21 28.44
N ASP A 137 4.11 26.89 27.46
CA ASP A 137 2.78 26.57 26.96
C ASP A 137 2.81 25.90 25.59
N ARG A 138 3.98 25.46 25.11
CA ARG A 138 4.09 24.84 23.80
C ARG A 138 4.28 23.33 23.94
N GLY A 139 3.51 22.57 23.17
CA GLY A 139 3.60 21.12 23.20
C GLY A 139 2.67 20.42 22.24
N THR A 140 2.08 19.31 22.68
CA THR A 140 1.26 18.49 21.80
C THR A 140 0.01 18.05 22.54
N TYR A 141 -1.14 18.11 21.86
CA TYR A 141 -2.37 17.50 22.32
C TYR A 141 -2.45 16.07 21.84
N PHE A 142 -2.99 15.20 22.69
CA PHE A 142 -3.21 13.81 22.36
C PHE A 142 -4.65 13.44 22.70
N ILE A 143 -5.22 12.54 21.91
CA ILE A 143 -6.54 11.99 22.14
C ILE A 143 -6.40 10.47 22.13
N ASP A 144 -6.92 9.82 23.15
CA ASP A 144 -6.90 8.35 23.22
C ASP A 144 -8.11 7.81 22.47
N LEU A 145 -7.87 7.25 21.28
CA LEU A 145 -8.94 6.74 20.45
C LEU A 145 -9.52 5.44 21.00
N ALA A 146 -8.79 4.74 21.86
CA ALA A 146 -9.38 3.61 22.56
C ALA A 146 -10.40 4.08 23.60
N ARG A 147 -10.09 5.16 24.33
CA ARG A 147 -11.04 5.76 25.27
C ARG A 147 -12.25 6.35 24.54
N VAL A 148 -12.02 7.04 23.43
CA VAL A 148 -13.12 7.58 22.65
C VAL A 148 -14.08 6.46 22.28
N TRP A 149 -13.53 5.35 21.78
CA TRP A 149 -14.34 4.18 21.45
C TRP A 149 -15.08 3.67 22.68
N GLN A 150 -14.40 3.68 23.84
CA GLN A 150 -15.01 3.15 25.06
C GLN A 150 -16.28 3.89 25.43
N SER A 151 -16.24 5.22 25.34
CA SER A 151 -17.37 6.04 25.74
C SER A 151 -18.54 5.99 24.76
N LEU A 152 -18.41 5.29 23.62
CA LEU A 152 -19.46 5.28 22.61
C LEU A 152 -20.49 4.22 22.92
N PRO A 153 -21.78 4.57 23.04
CA PRO A 153 -22.81 3.55 23.16
C PRO A 153 -22.83 2.66 21.91
N ALA A 154 -23.26 1.42 22.10
CA ALA A 154 -23.25 0.45 21.01
C ALA A 154 -24.09 0.92 19.81
N ALA A 155 -25.17 1.66 20.08
CA ALA A 155 -26.03 2.12 18.98
C ALA A 155 -25.27 3.04 18.05
N LYS A 156 -24.40 3.89 18.59
CA LYS A 156 -23.48 4.64 17.74
C LYS A 156 -22.30 3.81 17.30
N ARG A 157 -21.99 2.74 18.03
CA ARG A 157 -20.75 1.99 17.80
C ARG A 157 -20.88 0.96 16.70
N ASP A 158 -21.96 0.18 16.69
CA ASP A 158 -22.05 -0.98 15.81
C ASP A 158 -22.10 -0.66 14.30
N PRO A 159 -22.63 0.49 13.87
CA PRO A 159 -22.48 0.86 12.46
C PRO A 159 -21.05 1.05 12.00
N ALA A 160 -20.10 1.34 12.90
CA ALA A 160 -18.73 1.53 12.47
C ALA A 160 -17.99 0.21 12.27
N ARG A 161 -18.40 -0.83 12.98
CA ARG A 161 -17.67 -2.10 12.91
C ARG A 161 -17.74 -2.68 11.51
N GLY A 162 -16.62 -3.24 11.06
CA GLY A 162 -16.57 -3.85 9.75
C GLY A 162 -16.72 -2.91 8.58
N THR A 163 -16.40 -1.64 8.75
CA THR A 163 -16.45 -0.69 7.65
C THR A 163 -15.04 -0.22 7.30
N VAL A 164 -14.92 0.47 6.17
CA VAL A 164 -13.64 0.86 5.60
C VAL A 164 -13.61 2.37 5.43
N SER A 165 -12.58 3.01 5.97
CA SER A 165 -12.47 4.46 5.94
C SER A 165 -11.40 4.88 4.94
N THR A 166 -11.66 5.96 4.22
CA THR A 166 -10.72 6.47 3.23
C THR A 166 -10.00 7.68 3.81
N HIS A 167 -8.68 7.65 3.76
CA HIS A 167 -7.85 8.69 4.36
C HIS A 167 -7.09 9.37 3.24
N ASP A 168 -7.25 10.67 3.10
CA ASP A 168 -6.75 11.40 1.92
C ASP A 168 -5.81 12.49 2.38
N PRO A 169 -4.49 12.30 2.22
CA PRO A 169 -3.53 13.32 2.66
C PRO A 169 -3.27 14.43 1.66
N ARG A 170 -3.84 14.35 0.45
CA ARG A 170 -3.27 15.10 -0.67
C ARG A 170 -3.28 16.61 -0.44
N ARG A 171 -4.36 17.15 0.16
CA ARG A 171 -4.46 18.58 0.42
C ARG A 171 -3.54 19.06 1.53
N HIS A 172 -2.98 18.17 2.33
CA HIS A 172 -2.12 18.62 3.41
C HIS A 172 -0.65 18.52 3.07
N ILE A 173 -0.28 17.93 1.93
CA ILE A 173 1.13 17.94 1.53
C ILE A 173 1.60 19.37 1.35
N LYS A 174 2.73 19.71 1.97
CA LYS A 174 3.21 21.08 1.98
C LYS A 174 4.03 21.40 0.74
N ILE A 175 3.84 22.63 0.24
CA ILE A 175 4.67 23.12 -0.85
C ILE A 175 6.11 23.17 -0.39
N ARG A 176 7.02 22.68 -1.24
CA ARG A 176 8.45 22.58 -1.00
C ARG A 176 9.19 23.71 -1.70
N PRO A 177 10.39 24.07 -1.23
CA PRO A 177 11.21 25.04 -1.97
C PRO A 177 11.44 24.66 -3.42
N SER A 178 11.69 23.40 -3.71
CA SER A 178 11.87 22.97 -5.09
C SER A 178 10.62 23.15 -5.95
N ASP A 179 9.46 23.44 -5.36
CA ASP A 179 8.21 23.58 -6.09
C ASP A 179 7.96 24.99 -6.63
N VAL A 180 8.74 25.97 -6.22
CA VAL A 180 8.48 27.35 -6.63
C VAL A 180 8.58 27.46 -8.14
N TYR A 181 7.65 28.20 -8.74
CA TYR A 181 7.48 28.45 -10.16
C TYR A 181 6.95 27.25 -10.92
N ARG A 182 6.68 26.11 -10.27
CA ARG A 182 5.98 25.06 -11.00
C ARG A 182 4.50 25.41 -11.08
N PRO A 183 3.82 25.01 -12.16
CA PRO A 183 2.36 25.15 -12.18
C PRO A 183 1.73 24.21 -11.18
N ILE A 184 0.77 24.73 -10.41
CA ILE A 184 0.24 23.99 -9.28
C ILE A 184 -0.31 22.63 -9.72
N GLY A 185 -0.89 22.55 -10.93
CA GLY A 185 -1.36 21.26 -11.44
C GLY A 185 -0.27 20.21 -11.53
N GLU A 186 0.95 20.61 -11.86
CA GLU A 186 2.05 19.64 -11.91
C GLU A 186 2.44 19.20 -10.51
N VAL A 187 2.36 20.09 -9.54
CA VAL A 187 2.69 19.71 -8.17
C VAL A 187 1.64 18.72 -7.66
N TRP A 188 0.37 19.08 -7.80
CA TRP A 188 -0.73 18.19 -7.44
C TRP A 188 -0.61 16.83 -8.12
N ASP A 189 -0.27 16.82 -9.42
CA ASP A 189 -0.15 15.54 -10.12
C ASP A 189 0.93 14.67 -9.49
N GLU A 190 2.04 15.28 -9.10
CA GLU A 190 3.11 14.50 -8.46
C GLU A 190 2.65 13.97 -7.10
N ILE A 191 1.97 14.81 -6.31
CA ILE A 191 1.42 14.35 -5.02
C ILE A 191 0.53 13.15 -5.23
N ASN A 192 -0.35 13.23 -6.22
CA ASN A 192 -1.31 12.17 -6.48
C ASN A 192 -0.64 10.87 -6.88
N ARG A 193 0.47 10.95 -7.63
CA ARG A 193 1.24 9.73 -7.92
C ARG A 193 1.95 9.20 -6.69
N THR A 194 2.36 10.08 -5.77
CA THR A 194 3.25 9.70 -4.69
C THR A 194 2.50 9.26 -3.42
N THR A 195 1.50 10.02 -2.97
CA THR A 195 0.70 9.67 -1.78
C THR A 195 -0.80 9.73 -2.11
N PRO A 196 -1.33 8.71 -2.78
CA PRO A 196 -2.76 8.65 -3.05
C PRO A 196 -3.55 8.38 -1.78
N PRO A 197 -4.87 8.55 -1.81
CA PRO A 197 -5.67 8.18 -0.65
C PRO A 197 -5.47 6.71 -0.33
N ILE A 198 -5.70 6.36 0.94
CA ILE A 198 -5.54 4.97 1.36
C ILE A 198 -6.74 4.59 2.21
N LYS A 199 -7.02 3.29 2.25
CA LYS A 199 -8.14 2.74 3.01
C LYS A 199 -7.66 1.85 4.15
N TRP A 200 -8.27 2.03 5.32
CA TRP A 200 -8.10 1.17 6.49
C TRP A 200 -9.45 0.86 7.09
N PRO A 201 -9.58 -0.27 7.81
CA PRO A 201 -10.79 -0.50 8.59
C PRO A 201 -11.03 0.67 9.53
N THR A 202 -12.29 1.04 9.66
CA THR A 202 -12.68 2.18 10.48
C THR A 202 -12.38 1.93 11.95
N VAL A 203 -12.64 0.72 12.42
CA VAL A 203 -12.33 0.30 13.78
C VAL A 203 -11.26 -0.76 13.67
N ILE A 204 -10.16 -0.60 14.41
CA ILE A 204 -9.11 -1.59 14.37
C ILE A 204 -8.87 -2.12 15.77
N ARG A 205 -8.24 -3.30 15.82
CA ARG A 205 -7.87 -3.95 17.07
C ARG A 205 -6.35 -3.90 17.18
N HIS A 206 -5.86 -3.28 18.24
CA HIS A 206 -4.42 -3.14 18.50
C HIS A 206 -3.74 -4.51 18.56
N PRO A 207 -2.75 -4.78 17.70
CA PRO A 207 -2.17 -6.13 17.64
C PRO A 207 -1.52 -6.59 18.93
N LYS A 208 -1.09 -5.68 19.81
CA LYS A 208 -0.40 -6.05 21.05
C LYS A 208 -1.33 -6.03 22.26
N THR A 209 -2.02 -4.92 22.50
CA THR A 209 -2.90 -4.78 23.65
C THR A 209 -4.28 -5.35 23.43
N GLY A 210 -4.70 -5.53 22.18
CA GLY A 210 -6.06 -5.99 21.91
C GLY A 210 -7.15 -4.95 22.05
N GLN A 211 -6.82 -3.70 22.29
CA GLN A 211 -7.85 -2.68 22.42
C GLN A 211 -8.44 -2.30 21.06
N GLU A 212 -9.73 -1.96 21.06
CA GLU A 212 -10.37 -1.47 19.84
C GLU A 212 -10.25 0.04 19.73
N ILE A 213 -9.94 0.51 18.52
CA ILE A 213 -9.47 1.87 18.27
C ILE A 213 -10.30 2.48 17.15
N LEU A 214 -10.89 3.66 17.39
CA LEU A 214 -11.62 4.38 16.36
C LEU A 214 -10.60 5.14 15.50
N TYR A 215 -10.24 4.57 14.35
CA TYR A 215 -9.11 5.02 13.56
C TYR A 215 -9.56 6.04 12.50
N ILE A 216 -10.01 7.20 12.99
CA ILE A 216 -10.52 8.23 12.08
C ILE A 216 -9.94 9.59 12.46
N CYS A 217 -9.85 10.48 11.49
CA CYS A 217 -9.04 11.70 11.60
C CYS A 217 -9.82 12.85 11.00
N ALA A 218 -10.04 13.91 11.79
CA ALA A 218 -10.89 15.02 11.34
C ALA A 218 -10.44 15.55 9.99
N THR A 219 -9.13 15.65 9.80
CA THR A 219 -8.51 16.34 8.68
C THR A 219 -8.39 15.44 7.45
N GLY A 220 -8.25 14.14 7.66
CA GLY A 220 -7.87 13.25 6.58
C GLY A 220 -8.92 12.24 6.17
N THR A 221 -9.82 11.85 7.08
CA THR A 221 -10.80 10.81 6.79
C THR A 221 -11.97 11.42 6.03
N THR A 222 -12.18 10.98 4.79
CA THR A 222 -13.17 11.61 3.93
C THR A 222 -14.52 10.91 3.91
N LYS A 223 -14.54 9.58 4.04
CA LYS A 223 -15.80 8.85 3.86
C LYS A 223 -15.67 7.44 4.40
N ILE A 224 -16.82 6.85 4.72
CA ILE A 224 -16.90 5.48 5.20
C ILE A 224 -17.72 4.66 4.21
N GLU A 225 -17.26 3.46 3.91
CA GLU A 225 -18.02 2.51 3.11
C GLU A 225 -18.04 1.16 3.82
N ASP A 226 -19.07 0.36 3.51
CA ASP A 226 -19.20 -0.98 4.07
C ASP A 226 -18.30 -1.97 3.34
N LYS A 227 -18.36 -3.24 3.75
CA LYS A 227 -17.47 -4.25 3.18
C LYS A 227 -17.81 -4.62 1.73
N ASP A 228 -18.82 -4.00 1.12
CA ASP A 228 -19.18 -4.28 -0.26
C ASP A 228 -19.07 -3.06 -1.16
N GLY A 229 -18.50 -1.96 -0.66
CA GLY A 229 -18.34 -0.76 -1.46
C GLY A 229 -19.44 0.27 -1.31
N ASN A 230 -20.51 -0.05 -0.58
CA ASN A 230 -21.64 0.88 -0.50
C ASN A 230 -21.31 2.03 0.45
N PRO A 231 -21.69 3.26 0.08
CA PRO A 231 -21.41 4.42 0.93
C PRO A 231 -22.25 4.35 2.20
N VAL A 232 -21.57 4.36 3.35
CA VAL A 232 -22.27 4.46 4.62
C VAL A 232 -22.88 5.85 4.75
N ASP A 233 -24.02 5.93 5.43
CA ASP A 233 -24.65 7.20 5.72
C ASP A 233 -23.60 8.20 6.20
N PRO A 234 -23.37 9.27 5.44
CA PRO A 234 -22.29 10.20 5.80
C PRO A 234 -22.44 10.86 7.15
N GLU A 235 -23.64 10.85 7.74
CA GLU A 235 -23.76 11.36 9.11
C GLU A 235 -23.17 10.42 10.14
N VAL A 236 -22.84 9.18 9.75
CA VAL A 236 -22.14 8.30 10.68
C VAL A 236 -20.72 8.81 10.91
N LEU A 237 -19.98 9.06 9.84
CA LEU A 237 -18.64 9.63 9.98
C LEU A 237 -18.69 10.94 10.77
N GLN A 238 -19.69 11.78 10.48
CA GLN A 238 -19.78 13.06 11.17
C GLN A 238 -19.99 12.85 12.67
N GLU A 239 -20.78 11.84 13.03
CA GLU A 239 -21.13 11.63 14.42
C GLU A 239 -19.98 11.04 15.21
N LEU A 240 -19.31 10.03 14.63
CA LEU A 240 -18.08 9.49 15.21
C LEU A 240 -17.04 10.58 15.41
N MET A 241 -16.84 11.43 14.40
CA MET A 241 -15.82 12.47 14.52
C MET A 241 -16.18 13.44 15.63
N ALA A 242 -17.46 13.79 15.72
CA ALA A 242 -17.89 14.65 16.81
C ALA A 242 -17.56 14.04 18.17
N ALA A 243 -17.66 12.71 18.29
CA ALA A 243 -17.47 12.08 19.59
C ALA A 243 -16.00 11.88 19.94
N THR A 244 -15.08 12.07 19.00
CA THR A 244 -13.67 11.94 19.32
C THR A 244 -13.16 13.17 20.07
N GLY A 245 -13.87 14.28 20.03
CA GLY A 245 -13.34 15.52 20.53
C GLY A 245 -12.47 16.28 19.55
N GLN A 246 -12.25 15.75 18.35
CA GLN A 246 -11.34 16.40 17.40
C GLN A 246 -11.89 17.69 16.83
N LEU A 247 -13.20 17.95 16.93
CA LEU A 247 -13.81 19.14 16.38
C LEU A 247 -14.08 20.22 17.41
N ASP A 248 -13.56 20.07 18.60
CA ASP A 248 -13.74 21.09 19.64
C ASP A 248 -12.67 22.16 19.46
N PRO A 249 -13.02 23.32 18.90
CA PRO A 249 -11.98 24.34 18.59
C PRO A 249 -11.33 24.95 19.82
N GLU A 250 -11.79 24.61 21.02
CA GLU A 250 -11.19 25.15 22.22
C GLU A 250 -10.38 24.12 22.99
N TYR A 251 -10.45 22.84 22.61
CA TYR A 251 -9.55 21.80 23.12
C TYR A 251 -9.81 21.52 24.60
N GLN A 252 -11.09 21.49 24.98
CA GLN A 252 -11.49 21.21 26.35
C GLN A 252 -12.15 19.84 26.49
N SER A 253 -12.20 19.05 25.43
CA SER A 253 -12.84 17.75 25.51
C SER A 253 -12.18 16.90 26.58
N PRO A 254 -12.95 16.09 27.31
CA PRO A 254 -12.34 15.22 28.34
C PRO A 254 -11.35 14.23 27.77
N PHE A 255 -11.47 13.93 26.47
CA PHE A 255 -10.59 12.97 25.81
C PHE A 255 -9.24 13.54 25.43
N ILE A 256 -9.03 14.84 25.66
CA ILE A 256 -7.85 15.55 25.18
C ILE A 256 -6.86 15.67 26.31
N HIS A 257 -5.68 15.08 26.12
CA HIS A 257 -4.57 15.20 27.05
C HIS A 257 -3.54 16.19 26.51
N THR A 258 -3.05 17.08 27.39
CA THR A 258 -2.02 18.04 27.02
C THR A 258 -0.66 17.54 27.51
N GLN A 259 0.33 17.56 26.61
CA GLN A 259 1.70 17.21 26.99
C GLN A 259 2.62 18.35 26.58
N HIS A 260 3.10 19.10 27.56
CA HIS A 260 3.91 20.28 27.28
C HIS A 260 5.37 19.88 27.06
N TYR A 261 5.98 20.49 26.03
CA TYR A 261 7.39 20.26 25.70
C TYR A 261 8.30 20.81 26.80
N GLN A 262 9.33 20.03 27.16
CA GLN A 262 10.44 20.49 27.97
C GLN A 262 11.73 20.06 27.31
N VAL A 263 12.68 21.00 27.15
CA VAL A 263 13.94 20.71 26.48
C VAL A 263 14.63 19.52 27.11
N GLY A 264 15.09 18.59 26.28
CA GLY A 264 15.75 17.39 26.74
C GLY A 264 14.83 16.31 27.26
N ASP A 265 13.52 16.55 27.31
CA ASP A 265 12.55 15.53 27.72
C ASP A 265 11.96 14.91 26.45
N ILE A 266 12.22 13.62 26.25
CA ILE A 266 11.81 12.92 25.05
C ILE A 266 10.39 12.40 25.24
N ILE A 267 9.47 12.82 24.38
CA ILE A 267 8.09 12.33 24.40
C ILE A 267 7.95 11.17 23.43
N LEU A 268 7.46 10.04 23.94
CA LEU A 268 7.44 8.80 23.19
C LEU A 268 6.08 8.14 23.32
N TRP A 269 5.47 7.74 22.21
CA TRP A 269 4.08 7.29 22.32
C TRP A 269 3.68 6.26 21.28
N ASP A 270 2.58 5.59 21.59
CA ASP A 270 1.93 4.59 20.75
C ASP A 270 1.12 5.31 19.67
N ASN A 271 1.54 5.16 18.42
CA ASN A 271 1.01 5.85 17.24
C ASN A 271 -0.14 5.10 16.60
N ARG A 272 -0.57 3.98 17.18
CA ARG A 272 -1.80 3.31 16.80
C ARG A 272 -3.00 3.85 17.56
N VAL A 273 -2.83 4.16 18.85
CA VAL A 273 -3.98 4.39 19.72
C VAL A 273 -4.21 5.86 20.04
N LEU A 274 -3.24 6.73 19.80
CA LEU A 274 -3.37 8.16 20.09
C LEU A 274 -3.41 8.96 18.79
N MET A 275 -4.29 9.95 18.75
CA MET A 275 -4.31 10.96 17.69
C MET A 275 -3.72 12.25 18.28
N HIS A 276 -2.93 12.97 17.48
CA HIS A 276 -2.23 14.11 18.08
C HIS A 276 -2.19 15.30 17.13
N ARG A 277 -1.93 16.48 17.72
CA ARG A 277 -1.79 17.74 17.00
C ARG A 277 -0.97 18.72 17.85
N ALA A 278 -0.35 19.67 17.17
CA ALA A 278 0.49 20.67 17.84
C ALA A 278 -0.33 21.66 18.67
N LYS A 279 0.18 21.98 19.87
CA LYS A 279 -0.37 23.01 20.74
C LYS A 279 0.34 24.33 20.45
N HIS A 280 -0.35 25.18 19.66
CA HIS A 280 0.05 26.51 19.13
C HIS A 280 0.03 26.49 17.59
N GLY A 285 8.86 32.91 20.06
CA GLY A 285 10.21 32.42 20.26
C GLY A 285 10.61 31.35 19.26
N THR A 286 11.71 30.64 19.53
CA THR A 286 12.26 29.64 18.62
C THR A 286 11.89 28.24 19.11
N LEU A 287 11.24 27.48 18.25
CA LEU A 287 10.90 26.08 18.52
C LEU A 287 11.71 25.18 17.61
N THR A 288 12.28 24.12 18.17
CA THR A 288 12.98 23.15 17.34
C THR A 288 12.84 21.79 18.00
N THR A 289 12.30 20.83 17.26
CA THR A 289 12.15 19.47 17.75
C THR A 289 12.67 18.50 16.70
N TYR A 290 13.22 17.40 17.17
CA TYR A 290 13.63 16.29 16.33
C TYR A 290 12.68 15.13 16.58
N ARG A 291 12.45 14.33 15.53
CA ARG A 291 11.49 13.24 15.62
C ARG A 291 12.02 12.00 14.92
N LEU A 292 11.80 10.85 15.55
CA LEU A 292 12.08 9.55 14.98
C LEU A 292 10.81 8.71 15.02
N THR A 293 10.60 7.90 13.99
CA THR A 293 9.41 7.07 13.91
C THR A 293 9.82 5.63 13.62
N MET A 294 9.21 4.68 14.33
CA MET A 294 9.63 3.29 14.28
C MET A 294 8.46 2.34 14.03
N LEU A 295 8.73 1.27 13.29
CA LEU A 295 7.87 0.11 13.16
C LEU A 295 8.19 -0.90 14.25
N ASP A 296 7.23 -1.78 14.54
CA ASP A 296 7.45 -2.84 15.53
C ASP A 296 7.22 -4.24 14.99
N GLY A 297 7.04 -4.40 13.68
CA GLY A 297 6.85 -5.73 13.11
C GLY A 297 5.49 -6.33 13.34
N LEU A 298 4.61 -5.68 14.09
CA LEU A 298 3.26 -6.20 14.22
C LEU A 298 2.36 -5.56 13.18
N LYS A 299 1.24 -6.23 12.91
CA LYS A 299 0.20 -5.73 12.00
C LYS A 299 -0.05 -4.23 12.20
N THR A 300 0.18 -3.45 11.15
CA THR A 300 -0.05 -2.03 11.28
C THR A 300 -1.06 -1.55 10.25
N PRO A 301 -2.01 -0.68 10.65
CA PRO A 301 -2.17 -0.17 12.00
C PRO A 301 -2.78 -1.21 12.96
N GLY A 302 -3.53 -2.16 12.43
CA GLY A 302 -4.07 -3.20 13.29
C GLY A 302 -4.99 -4.11 12.50
N TYR A 303 -5.54 -5.08 13.21
CA TYR A 303 -6.51 -5.99 12.61
C TYR A 303 -7.87 -5.29 12.49
N ALA A 304 -8.66 -5.73 11.53
CA ALA A 304 -9.98 -5.14 11.32
C ALA A 304 -10.93 -5.55 12.45
N ALA A 305 -11.72 -4.60 12.91
CA ALA A 305 -12.67 -4.86 13.98
C ALA A 305 -14.05 -4.28 13.68
N MET B 17 -18.68 8.13 -19.15
CA MET B 17 -19.97 8.80 -19.33
C MET B 17 -21.18 7.86 -19.17
N THR B 18 -21.10 6.67 -19.75
CA THR B 18 -22.21 5.72 -19.75
C THR B 18 -22.15 4.72 -18.60
N LEU B 19 -21.01 4.60 -17.91
CA LEU B 19 -20.82 3.63 -16.84
C LEU B 19 -20.68 4.33 -15.49
N LYS B 20 -21.12 3.64 -14.44
CA LYS B 20 -21.11 4.14 -13.07
C LYS B 20 -20.30 3.22 -12.17
N VAL B 21 -19.37 3.80 -11.41
CA VAL B 21 -18.41 3.06 -10.59
C VAL B 21 -18.78 3.18 -9.12
N LYS B 22 -18.90 2.04 -8.43
CA LYS B 22 -19.18 2.02 -7.00
C LYS B 22 -17.88 1.76 -6.24
N GLY B 23 -17.45 2.75 -5.49
CA GLY B 23 -16.22 2.67 -4.76
C GLY B 23 -15.06 3.28 -5.52
N GLU B 24 -13.86 2.94 -5.06
CA GLU B 24 -12.64 3.43 -5.66
C GLU B 24 -11.52 2.56 -5.15
N GLY B 25 -10.62 2.19 -6.04
CA GLY B 25 -9.51 1.33 -5.69
C GLY B 25 -9.76 -0.12 -6.04
N LEU B 26 -8.89 -0.96 -5.51
CA LEU B 26 -8.89 -2.37 -5.86
C LEU B 26 -10.23 -3.01 -5.54
N GLY B 27 -10.90 -3.52 -6.57
CA GLY B 27 -12.16 -4.21 -6.40
C GLY B 27 -13.40 -3.39 -6.67
N ALA B 28 -13.24 -2.15 -7.16
CA ALA B 28 -14.38 -1.28 -7.40
C ALA B 28 -15.35 -1.95 -8.38
N GLN B 29 -16.63 -1.63 -8.20
CA GLN B 29 -17.72 -2.31 -8.89
C GLN B 29 -18.32 -1.40 -9.95
N VAL B 30 -18.45 -1.92 -11.17
CA VAL B 30 -18.95 -1.19 -12.33
C VAL B 30 -20.26 -1.83 -12.78
N THR B 31 -21.31 -1.02 -12.98
CA THR B 31 -22.64 -1.56 -13.22
C THR B 31 -23.18 -1.42 -14.65
N GLY B 32 -22.73 -0.45 -15.44
CA GLY B 32 -23.35 -0.25 -16.75
C GLY B 32 -22.91 -1.11 -17.94
N VAL B 33 -22.39 -2.31 -17.69
CA VAL B 33 -21.85 -3.15 -18.77
C VAL B 33 -22.96 -4.08 -19.27
N ASP B 34 -23.50 -3.76 -20.45
CA ASP B 34 -24.60 -4.50 -21.06
C ASP B 34 -24.07 -5.36 -22.20
N PRO B 35 -24.14 -6.69 -22.09
CA PRO B 35 -23.64 -7.56 -23.16
C PRO B 35 -24.19 -7.23 -24.54
N LYS B 36 -25.41 -6.73 -24.64
CA LYS B 36 -26.02 -6.48 -25.94
C LYS B 36 -25.76 -5.07 -26.45
N ASN B 37 -25.50 -4.11 -25.57
CA ASN B 37 -25.24 -2.74 -26.02
C ASN B 37 -23.82 -2.31 -25.66
N LEU B 38 -22.85 -3.15 -26.00
CA LEU B 38 -21.47 -2.89 -25.63
C LEU B 38 -20.92 -1.66 -26.34
N ASP B 39 -21.41 -1.35 -27.52
CA ASP B 39 -20.85 -0.19 -28.22
C ASP B 39 -21.26 1.12 -27.59
N ASP B 40 -22.02 1.07 -26.48
CA ASP B 40 -22.22 2.26 -25.66
C ASP B 40 -20.93 2.71 -24.98
N ILE B 41 -19.96 1.80 -24.79
CA ILE B 41 -18.75 2.09 -24.02
C ILE B 41 -17.68 2.63 -24.95
N THR B 42 -17.16 3.81 -24.63
CA THR B 42 -15.99 4.24 -25.39
C THR B 42 -14.71 3.66 -24.80
N THR B 43 -13.68 3.59 -25.63
CA THR B 43 -12.39 3.07 -25.20
C THR B 43 -11.83 3.92 -24.06
N ASP B 44 -11.79 5.24 -24.27
CA ASP B 44 -11.22 6.13 -23.26
C ASP B 44 -11.98 6.06 -21.93
N GLU B 45 -13.30 5.81 -21.97
CA GLU B 45 -14.07 5.72 -20.74
C GLU B 45 -13.63 4.54 -19.90
N ILE B 46 -13.59 3.36 -20.52
CA ILE B 46 -13.31 2.16 -19.73
C ILE B 46 -11.83 2.09 -19.38
N ARG B 47 -10.96 2.61 -20.25
CA ARG B 47 -9.54 2.63 -19.92
C ARG B 47 -9.29 3.50 -18.68
N ASP B 48 -9.85 4.71 -18.65
N ASP B 48 -9.87 4.70 -18.66
CA ASP B 48 -9.60 5.58 -17.51
CA ASP B 48 -9.62 5.59 -17.53
C ASP B 48 -10.11 4.96 -16.22
C ASP B 48 -10.15 5.01 -16.23
N ILE B 49 -11.22 4.22 -16.28
CA ILE B 49 -11.68 3.50 -15.11
C ILE B 49 -10.63 2.51 -14.62
N VAL B 50 -10.05 1.74 -15.54
CA VAL B 50 -9.08 0.71 -15.13
C VAL B 50 -7.78 1.36 -14.67
N TYR B 51 -7.26 2.31 -15.45
CA TYR B 51 -6.07 3.06 -15.03
C TYR B 51 -6.25 3.62 -13.63
N THR B 52 -7.43 4.17 -13.35
CA THR B 52 -7.63 4.90 -12.11
C THR B 52 -7.73 3.95 -10.93
N ASN B 53 -8.57 2.91 -11.04
CA ASN B 53 -8.80 2.02 -9.91
C ASN B 53 -7.90 0.79 -9.88
N LYS B 54 -7.26 0.47 -11.01
CA LYS B 54 -6.27 -0.60 -11.16
C LYS B 54 -6.94 -1.95 -11.30
N LEU B 55 -7.89 -2.27 -10.42
CA LEU B 55 -8.69 -3.49 -10.51
C LEU B 55 -10.17 -3.15 -10.34
N VAL B 56 -11.00 -3.52 -11.34
CA VAL B 56 -12.45 -3.32 -11.25
C VAL B 56 -13.17 -4.63 -11.56
N VAL B 57 -14.39 -4.74 -11.04
CA VAL B 57 -15.32 -5.83 -11.38
C VAL B 57 -16.45 -5.27 -12.24
N LEU B 58 -16.59 -5.82 -13.45
CA LEU B 58 -17.76 -5.54 -14.29
C LEU B 58 -18.88 -6.48 -13.83
N LYS B 59 -19.91 -5.93 -13.19
CA LYS B 59 -20.87 -6.72 -12.44
C LYS B 59 -21.92 -7.37 -13.33
N ASP B 60 -22.21 -8.64 -13.08
CA ASP B 60 -23.41 -9.33 -13.58
C ASP B 60 -23.56 -9.28 -15.10
N VAL B 61 -22.53 -8.93 -15.85
CA VAL B 61 -22.56 -9.13 -17.30
C VAL B 61 -22.30 -10.61 -17.56
N HIS B 62 -23.29 -11.31 -18.09
CA HIS B 62 -23.06 -12.72 -18.32
C HIS B 62 -22.82 -12.97 -19.81
N PRO B 63 -21.68 -12.52 -20.35
CA PRO B 63 -21.56 -12.42 -21.80
C PRO B 63 -21.35 -13.79 -22.45
N SER B 64 -21.67 -13.82 -23.73
CA SER B 64 -21.33 -14.97 -24.55
C SER B 64 -19.86 -14.87 -24.94
N PRO B 65 -19.24 -15.99 -25.29
CA PRO B 65 -17.86 -15.91 -25.80
C PRO B 65 -17.70 -14.81 -26.83
N ARG B 66 -18.67 -14.64 -27.71
CA ARG B 66 -18.53 -13.65 -28.78
C ARG B 66 -18.65 -12.23 -28.23
N GLU B 67 -19.49 -12.02 -27.24
CA GLU B 67 -19.65 -10.67 -26.70
C GLU B 67 -18.45 -10.28 -25.85
N PHE B 68 -17.87 -11.26 -25.13
CA PHE B 68 -16.64 -11.03 -24.37
C PHE B 68 -15.56 -10.42 -25.25
N ILE B 69 -15.38 -10.98 -26.45
CA ILE B 69 -14.37 -10.50 -27.38
C ILE B 69 -14.66 -9.08 -27.80
N LYS B 70 -15.92 -8.79 -28.15
CA LYS B 70 -16.35 -7.42 -28.44
C LYS B 70 -15.96 -6.48 -27.31
N LEU B 71 -16.25 -6.88 -26.06
CA LEU B 71 -15.80 -6.08 -24.93
C LEU B 71 -14.29 -5.91 -24.94
N GLY B 72 -13.56 -7.00 -25.16
CA GLY B 72 -12.11 -6.92 -25.22
C GLY B 72 -11.60 -5.97 -26.28
N ARG B 73 -12.19 -6.00 -27.48
CA ARG B 73 -11.70 -5.14 -28.55
C ARG B 73 -12.02 -3.67 -28.29
N ILE B 74 -13.12 -3.38 -27.60
CA ILE B 74 -13.34 -2.01 -27.13
C ILE B 74 -12.17 -1.59 -26.23
N ILE B 75 -11.76 -2.50 -25.34
CA ILE B 75 -10.71 -2.16 -24.37
C ILE B 75 -9.40 -1.89 -25.08
N GLY B 76 -9.03 -2.75 -26.02
CA GLY B 76 -7.87 -2.50 -26.86
C GLY B 76 -7.60 -3.65 -27.79
N GLN B 77 -6.34 -3.75 -28.23
CA GLN B 77 -5.98 -4.77 -29.23
C GLN B 77 -5.75 -6.12 -28.54
N ILE B 78 -6.63 -7.08 -28.85
CA ILE B 78 -6.59 -8.39 -28.22
C ILE B 78 -5.39 -9.18 -28.74
N VAL B 79 -4.64 -9.81 -27.83
CA VAL B 79 -3.50 -10.66 -28.20
C VAL B 79 -3.80 -12.09 -27.76
N PRO B 80 -3.98 -13.04 -28.68
CA PRO B 80 -4.15 -14.42 -28.26
C PRO B 80 -2.86 -14.93 -27.61
N TYR B 81 -3.02 -15.89 -26.69
CA TYR B 81 -1.84 -16.47 -26.05
C TYR B 81 -1.03 -17.22 -27.10
N TYR B 82 0.30 -17.15 -27.02
CA TYR B 82 1.12 -17.75 -28.08
C TYR B 82 0.93 -19.26 -28.17
N GLU B 83 0.63 -19.91 -27.05
CA GLU B 83 0.61 -21.37 -27.02
C GLU B 83 -0.82 -21.86 -27.19
N PRO B 84 -1.16 -22.55 -28.29
CA PRO B 84 -2.58 -22.82 -28.60
C PRO B 84 -3.27 -23.82 -27.67
N MET B 85 -2.55 -24.62 -26.87
CA MET B 85 -3.26 -25.54 -25.99
C MET B 85 -4.10 -24.79 -24.96
N TYR B 86 -3.84 -23.50 -24.76
CA TYR B 86 -4.64 -22.68 -23.85
C TYR B 86 -5.88 -22.11 -24.51
N HIS B 87 -6.01 -22.23 -25.83
CA HIS B 87 -7.07 -21.55 -26.56
C HIS B 87 -8.43 -22.21 -26.34
N HIS B 88 -9.46 -21.36 -26.32
CA HIS B 88 -10.83 -21.87 -26.39
C HIS B 88 -11.02 -22.64 -27.68
N GLU B 89 -11.74 -23.76 -27.59
CA GLU B 89 -12.08 -24.58 -28.76
C GLU B 89 -12.42 -23.72 -29.98
N ASP B 90 -13.29 -22.72 -29.81
CA ASP B 90 -13.85 -21.97 -30.91
C ASP B 90 -13.23 -20.58 -31.11
N HIS B 91 -12.52 -20.02 -30.14
CA HIS B 91 -11.95 -18.70 -30.30
C HIS B 91 -10.49 -18.67 -29.84
N PRO B 92 -9.54 -18.44 -30.74
CA PRO B 92 -8.13 -18.35 -30.31
C PRO B 92 -7.87 -17.26 -29.29
N GLU B 93 -8.65 -16.18 -29.30
CA GLU B 93 -8.38 -15.03 -28.43
C GLU B 93 -8.49 -15.35 -26.95
N ILE B 94 -9.21 -16.41 -26.59
CA ILE B 94 -9.60 -16.68 -25.21
C ILE B 94 -8.71 -17.77 -24.63
N PHE B 95 -8.08 -17.42 -23.51
CA PHE B 95 -7.23 -18.30 -22.72
C PHE B 95 -8.12 -19.01 -21.72
N VAL B 96 -8.18 -20.34 -21.79
CA VAL B 96 -9.13 -21.12 -21.00
C VAL B 96 -8.38 -21.82 -19.87
N SER B 97 -8.79 -21.52 -18.64
CA SER B 97 -8.29 -22.19 -17.45
C SER B 97 -9.43 -22.99 -16.82
N SER B 98 -9.28 -24.30 -16.77
CA SER B 98 -10.38 -25.13 -16.31
C SER B 98 -9.89 -26.43 -15.70
N THR B 99 -10.63 -26.90 -14.70
CA THR B 99 -10.44 -28.21 -14.10
C THR B 99 -10.96 -29.35 -14.98
N GLU B 100 -11.63 -29.06 -16.09
CA GLU B 100 -12.42 -30.05 -16.81
C GLU B 100 -11.76 -30.46 -18.13
N GLU B 101 -11.70 -31.78 -18.35
CA GLU B 101 -11.16 -32.46 -19.53
C GLU B 101 -11.29 -31.68 -20.84
N GLY B 102 -10.17 -31.49 -21.55
CA GLY B 102 -10.20 -30.91 -22.88
C GLY B 102 -10.59 -29.46 -22.99
N GLN B 103 -10.69 -28.74 -21.86
CA GLN B 103 -10.98 -27.32 -21.86
C GLN B 103 -9.73 -26.60 -21.36
N GLY B 104 -8.94 -26.08 -22.30
CA GLY B 104 -7.76 -25.31 -21.96
C GLY B 104 -6.80 -26.09 -21.07
N VAL B 105 -6.32 -25.44 -20.01
CA VAL B 105 -5.27 -26.00 -19.18
C VAL B 105 -5.66 -25.92 -17.71
N PRO B 106 -5.43 -26.97 -16.93
CA PRO B 106 -5.72 -26.88 -15.49
C PRO B 106 -4.59 -26.20 -14.73
N LYS B 107 -4.97 -25.57 -13.61
CA LYS B 107 -4.03 -25.06 -12.62
C LYS B 107 -3.06 -24.03 -13.22
N THR B 108 -3.63 -23.00 -13.85
CA THR B 108 -2.78 -21.95 -14.39
C THR B 108 -2.53 -20.88 -13.33
N GLY B 109 -1.41 -20.17 -13.51
CA GLY B 109 -1.13 -19.02 -12.66
C GLY B 109 -1.04 -19.31 -11.17
N ALA B 110 -0.51 -20.48 -10.78
CA ALA B 110 -0.33 -20.81 -9.37
C ALA B 110 0.97 -20.22 -8.82
N PHE B 111 1.31 -19.00 -9.20
CA PHE B 111 2.57 -18.38 -8.83
C PHE B 111 2.40 -16.90 -9.10
N TRP B 112 3.17 -16.07 -8.42
CA TRP B 112 3.10 -14.64 -8.70
C TRP B 112 3.65 -14.35 -10.08
N HIS B 113 2.96 -13.50 -10.84
CA HIS B 113 3.39 -13.15 -12.18
C HIS B 113 2.54 -12.00 -12.71
N ILE B 114 3.07 -11.34 -13.74
CA ILE B 114 2.35 -10.39 -14.58
C ILE B 114 2.16 -11.03 -15.96
N ASP B 115 1.00 -10.85 -16.56
CA ASP B 115 0.70 -11.59 -17.78
C ASP B 115 1.63 -11.16 -18.92
N TYR B 116 2.23 -12.13 -19.59
CA TYR B 116 3.19 -11.87 -20.67
C TYR B 116 4.33 -10.95 -20.22
N MET B 117 4.67 -10.97 -18.93
N MET B 117 4.66 -10.97 -18.93
CA MET B 117 5.82 -10.22 -18.45
CA MET B 117 5.82 -10.23 -18.45
C MET B 117 7.10 -10.60 -19.19
C MET B 117 7.10 -10.61 -19.17
N PHE B 118 7.15 -11.81 -19.76
CA PHE B 118 8.35 -12.36 -20.39
C PHE B 118 8.36 -12.22 -21.90
N MET B 119 7.36 -11.56 -22.49
CA MET B 119 7.26 -11.41 -23.93
C MET B 119 7.66 -10.01 -24.33
N PRO B 120 7.96 -9.77 -25.60
CA PRO B 120 8.37 -8.43 -26.01
C PRO B 120 7.33 -7.35 -25.81
N GLU B 121 6.05 -7.69 -25.70
CA GLU B 121 4.99 -6.69 -25.46
C GLU B 121 4.04 -7.15 -24.34
N PRO B 122 4.39 -6.92 -23.08
CA PRO B 122 3.45 -7.25 -21.99
C PRO B 122 2.13 -6.48 -22.13
N PHE B 123 1.05 -7.15 -21.75
CA PHE B 123 -0.28 -6.59 -21.91
C PHE B 123 -0.49 -5.36 -21.03
N ALA B 124 -1.36 -4.46 -21.47
CA ALA B 124 -1.78 -3.34 -20.62
C ALA B 124 -2.93 -3.74 -19.69
N PHE B 125 -3.77 -4.68 -20.13
CA PHE B 125 -5.00 -5.04 -19.42
C PHE B 125 -5.23 -6.53 -19.54
N SER B 126 -5.59 -7.14 -18.42
CA SER B 126 -6.03 -8.52 -18.40
C SER B 126 -7.46 -8.56 -17.91
N MET B 127 -8.26 -9.46 -18.48
CA MET B 127 -9.68 -9.54 -18.18
C MET B 127 -10.04 -11.01 -18.00
N VAL B 128 -10.78 -11.32 -16.93
CA VAL B 128 -11.13 -12.70 -16.64
C VAL B 128 -12.63 -12.80 -16.38
N LEU B 129 -13.25 -13.80 -17.02
CA LEU B 129 -14.66 -14.13 -16.87
C LEU B 129 -14.78 -15.52 -16.24
N PRO B 130 -15.25 -15.64 -15.01
CA PRO B 130 -15.49 -16.97 -14.44
C PRO B 130 -16.82 -17.52 -14.90
N LEU B 131 -16.79 -18.72 -15.48
CA LEU B 131 -17.98 -19.40 -15.96
C LEU B 131 -18.52 -20.42 -14.97
N ALA B 132 -17.67 -20.96 -14.12
CA ALA B 132 -18.10 -21.92 -13.12
C ALA B 132 -17.11 -21.85 -11.96
N VAL B 133 -17.59 -21.52 -10.77
CA VAL B 133 -16.71 -21.43 -9.62
C VAL B 133 -17.21 -22.35 -8.52
N PRO B 134 -16.35 -23.14 -7.90
CA PRO B 134 -16.78 -23.91 -6.73
C PRO B 134 -16.59 -23.15 -5.43
N GLY B 135 -17.70 -22.75 -4.81
CA GLY B 135 -17.63 -22.12 -3.50
C GLY B 135 -17.38 -20.63 -3.54
N HIS B 136 -16.78 -20.13 -2.46
CA HIS B 136 -16.54 -18.70 -2.30
C HIS B 136 -15.11 -18.38 -1.95
N ASP B 137 -14.23 -19.37 -1.88
CA ASP B 137 -12.85 -19.18 -1.46
C ASP B 137 -11.88 -19.19 -2.64
N ARG B 138 -12.36 -19.18 -3.89
CA ARG B 138 -11.53 -19.25 -5.09
C ARG B 138 -11.48 -17.88 -5.77
N GLY B 139 -10.28 -17.47 -6.18
CA GLY B 139 -10.15 -16.22 -6.88
C GLY B 139 -8.70 -15.87 -7.19
N THR B 140 -8.36 -14.59 -7.09
CA THR B 140 -7.02 -14.13 -7.41
C THR B 140 -6.52 -13.18 -6.35
N TYR B 141 -5.26 -13.35 -5.94
CA TYR B 141 -4.54 -12.35 -5.16
C TYR B 141 -3.87 -11.33 -6.09
N PHE B 142 -3.87 -10.09 -5.64
CA PHE B 142 -3.20 -9.01 -6.35
C PHE B 142 -2.28 -8.26 -5.40
N ILE B 143 -1.18 -7.78 -5.93
CA ILE B 143 -0.24 -6.94 -5.20
C ILE B 143 -0.03 -5.67 -6.02
N ASP B 144 -0.22 -4.52 -5.39
CA ASP B 144 -0.01 -3.24 -6.07
C ASP B 144 1.45 -2.87 -5.97
N LEU B 145 2.20 -2.99 -7.10
CA LEU B 145 3.63 -2.75 -7.13
C LEU B 145 3.97 -1.27 -7.02
N ALA B 146 3.05 -0.38 -7.40
CA ALA B 146 3.24 1.04 -7.09
C ALA B 146 3.19 1.30 -5.58
N ARG B 147 2.29 0.61 -4.87
CA ARG B 147 2.23 0.75 -3.42
C ARG B 147 3.46 0.13 -2.75
N VAL B 148 3.93 -1.03 -3.26
CA VAL B 148 5.14 -1.62 -2.71
C VAL B 148 6.28 -0.62 -2.80
N TRP B 149 6.48 -0.05 -3.98
CA TRP B 149 7.49 0.98 -4.19
C TRP B 149 7.26 2.16 -3.25
N GLN B 150 6.00 2.58 -3.06
CA GLN B 150 5.73 3.71 -2.19
C GLN B 150 6.27 3.50 -0.78
N SER B 151 6.17 2.27 -0.27
CA SER B 151 6.53 2.01 1.11
C SER B 151 8.04 1.82 1.31
N LEU B 152 8.83 1.83 0.22
CA LEU B 152 10.25 1.59 0.33
C LEU B 152 10.99 2.87 0.64
N PRO B 153 11.82 2.89 1.67
CA PRO B 153 12.68 4.06 1.90
C PRO B 153 13.67 4.20 0.75
N ALA B 154 14.08 5.44 0.51
CA ALA B 154 15.03 5.72 -0.57
C ALA B 154 16.28 4.85 -0.45
N ALA B 155 16.73 4.58 0.79
CA ALA B 155 17.95 3.80 0.99
C ALA B 155 17.83 2.43 0.35
N LYS B 156 16.66 1.78 0.47
CA LYS B 156 16.44 0.57 -0.28
C LYS B 156 16.12 0.88 -1.74
N ARG B 157 15.53 2.05 -1.99
CA ARG B 157 14.94 2.33 -3.30
C ARG B 157 15.98 2.74 -4.34
N ASP B 158 16.87 3.69 -4.01
CA ASP B 158 17.74 4.26 -5.02
C ASP B 158 18.69 3.27 -5.69
N PRO B 159 19.19 2.21 -5.04
CA PRO B 159 20.01 1.23 -5.76
C PRO B 159 19.26 0.47 -6.84
N ALA B 160 17.93 0.41 -6.78
CA ALA B 160 17.17 -0.27 -7.82
C ALA B 160 16.95 0.60 -9.06
N ARG B 161 17.03 1.92 -8.92
CA ARG B 161 16.71 2.80 -10.03
C ARG B 161 17.75 2.63 -11.11
N GLY B 162 17.31 2.73 -12.37
CA GLY B 162 18.23 2.66 -13.48
C GLY B 162 18.92 1.33 -13.65
N THR B 163 18.43 0.27 -13.03
CA THR B 163 18.99 -1.06 -13.22
C THR B 163 18.10 -1.87 -14.16
N VAL B 164 18.59 -3.06 -14.52
CA VAL B 164 17.94 -3.90 -15.52
C VAL B 164 17.78 -5.29 -14.94
N SER B 165 16.56 -5.82 -14.98
CA SER B 165 16.23 -7.10 -14.37
C SER B 165 16.00 -8.15 -15.46
N THR B 166 16.43 -9.37 -15.19
CA THR B 166 16.27 -10.48 -16.11
C THR B 166 15.10 -11.34 -15.64
N HIS B 167 14.17 -11.61 -16.55
CA HIS B 167 12.96 -12.38 -16.25
C HIS B 167 12.96 -13.63 -17.12
N ASP B 168 12.95 -14.79 -16.48
CA ASP B 168 13.21 -16.06 -17.17
C ASP B 168 12.03 -16.99 -16.98
N PRO B 169 11.19 -17.18 -18.00
CA PRO B 169 10.00 -18.02 -17.86
C PRO B 169 10.22 -19.50 -18.13
N ARG B 170 11.42 -19.90 -18.54
CA ARG B 170 11.56 -21.19 -19.22
C ARG B 170 11.15 -22.36 -18.32
N ARG B 171 11.46 -22.30 -17.02
CA ARG B 171 11.09 -23.39 -16.14
C ARG B 171 9.60 -23.46 -15.87
N HIS B 172 8.84 -22.42 -16.20
CA HIS B 172 7.41 -22.44 -15.90
C HIS B 172 6.56 -22.79 -17.11
N ILE B 173 7.15 -22.92 -18.30
CA ILE B 173 6.39 -23.40 -19.46
C ILE B 173 5.87 -24.80 -19.16
N LYS B 174 4.58 -25.02 -19.41
CA LYS B 174 3.93 -26.28 -19.06
C LYS B 174 4.06 -27.31 -20.16
N ILE B 175 4.34 -28.56 -19.75
CA ILE B 175 4.33 -29.69 -20.67
C ILE B 175 2.97 -29.75 -21.34
N ARG B 176 2.96 -29.92 -22.67
CA ARG B 176 1.76 -30.05 -23.48
C ARG B 176 1.51 -31.50 -23.84
N PRO B 177 0.27 -31.85 -24.19
CA PRO B 177 -0.01 -33.22 -24.66
C PRO B 177 0.82 -33.62 -25.86
N SER B 178 1.06 -32.69 -26.80
CA SER B 178 1.91 -32.99 -27.93
C SER B 178 3.34 -33.36 -27.52
N ASP B 179 3.75 -33.06 -26.29
CA ASP B 179 5.12 -33.28 -25.83
C ASP B 179 5.37 -34.68 -25.31
N VAL B 180 4.33 -35.47 -25.07
CA VAL B 180 4.53 -36.79 -24.48
C VAL B 180 5.41 -37.62 -25.39
N TYR B 181 6.33 -38.37 -24.79
CA TYR B 181 7.31 -39.24 -25.43
C TYR B 181 8.45 -38.47 -26.11
N ARG B 182 8.47 -37.15 -26.05
CA ARG B 182 9.66 -36.45 -26.53
C ARG B 182 10.73 -36.49 -25.43
N PRO B 183 12.00 -36.54 -25.82
CA PRO B 183 13.06 -36.40 -24.82
C PRO B 183 13.02 -35.00 -24.24
N ILE B 184 13.15 -34.90 -22.92
CA ILE B 184 12.95 -33.59 -22.28
C ILE B 184 13.91 -32.55 -22.83
N GLY B 185 15.10 -32.97 -23.25
CA GLY B 185 16.04 -32.02 -23.84
C GLY B 185 15.52 -31.34 -25.09
N GLU B 186 14.77 -32.08 -25.91
CA GLU B 186 14.21 -31.46 -27.12
C GLU B 186 13.10 -30.47 -26.76
N VAL B 187 12.31 -30.78 -25.75
CA VAL B 187 11.26 -29.84 -25.33
C VAL B 187 11.89 -28.56 -24.81
N TRP B 188 12.85 -28.69 -23.89
CA TRP B 188 13.56 -27.53 -23.36
C TRP B 188 14.18 -26.69 -24.48
N ASP B 189 14.89 -27.34 -25.40
CA ASP B 189 15.53 -26.61 -26.51
C ASP B 189 14.51 -25.81 -27.30
N GLU B 190 13.32 -26.38 -27.51
CA GLU B 190 12.29 -25.65 -28.23
C GLU B 190 11.78 -24.47 -27.40
N ILE B 191 11.51 -24.68 -26.10
CA ILE B 191 11.18 -23.57 -25.20
C ILE B 191 12.24 -22.48 -25.28
N ASN B 192 13.51 -22.89 -25.23
CA ASN B 192 14.59 -21.93 -25.24
C ASN B 192 14.64 -21.14 -26.53
N ARG B 193 14.23 -21.75 -27.66
CA ARG B 193 14.12 -21.02 -28.92
C ARG B 193 12.91 -20.11 -28.94
N THR B 194 11.84 -20.47 -28.23
CA THR B 194 10.57 -19.78 -28.39
C THR B 194 10.39 -18.63 -27.40
N THR B 195 10.62 -18.87 -26.10
CA THR B 195 10.51 -17.84 -25.06
C THR B 195 11.81 -17.73 -24.27
N PRO B 196 12.84 -17.10 -24.82
CA PRO B 196 14.09 -16.88 -24.06
C PRO B 196 13.88 -15.93 -22.90
N PRO B 197 14.86 -15.80 -22.00
CA PRO B 197 14.78 -14.78 -20.96
C PRO B 197 14.77 -13.39 -21.57
N ILE B 198 14.17 -12.43 -20.85
CA ILE B 198 14.04 -11.08 -21.37
C ILE B 198 14.43 -10.09 -20.28
N LYS B 199 14.81 -8.89 -20.69
CA LYS B 199 15.28 -7.85 -19.79
C LYS B 199 14.35 -6.63 -19.81
N TRP B 200 13.96 -6.18 -18.63
CA TRP B 200 13.23 -4.92 -18.49
C TRP B 200 13.88 -4.10 -17.38
N PRO B 201 13.74 -2.77 -17.42
CA PRO B 201 14.23 -1.97 -16.30
C PRO B 201 13.56 -2.45 -15.03
N THR B 202 14.32 -2.43 -13.94
CA THR B 202 13.84 -2.95 -12.68
C THR B 202 12.71 -2.10 -12.14
N VAL B 203 12.85 -0.78 -12.29
CA VAL B 203 11.82 0.17 -11.87
C VAL B 203 11.28 0.81 -13.13
N ILE B 204 9.96 0.80 -13.28
CA ILE B 204 9.23 1.22 -14.47
C ILE B 204 8.33 2.40 -14.08
N ARG B 205 8.10 3.30 -15.04
CA ARG B 205 7.13 4.40 -14.87
C ARG B 205 5.94 4.14 -15.78
N HIS B 206 4.76 4.00 -15.20
CA HIS B 206 3.52 3.78 -15.94
C HIS B 206 3.33 4.88 -16.99
N PRO B 207 3.24 4.53 -18.27
CA PRO B 207 3.21 5.58 -19.31
C PRO B 207 1.95 6.43 -19.29
N LYS B 208 0.90 6.02 -18.56
CA LYS B 208 -0.35 6.77 -18.48
C LYS B 208 -0.50 7.51 -17.15
N THR B 209 -0.49 6.78 -16.04
CA THR B 209 -0.60 7.39 -14.73
C THR B 209 0.68 8.04 -14.25
N GLY B 210 1.83 7.60 -14.74
CA GLY B 210 3.09 8.14 -14.25
C GLY B 210 3.59 7.55 -12.94
N GLN B 211 2.93 6.54 -12.39
CA GLN B 211 3.42 5.97 -11.16
C GLN B 211 4.65 5.12 -11.40
N GLU B 212 5.52 5.05 -10.40
CA GLU B 212 6.70 4.20 -10.48
C GLU B 212 6.38 2.82 -9.90
N ILE B 213 6.85 1.79 -10.61
CA ILE B 213 6.42 0.41 -10.41
C ILE B 213 7.66 -0.45 -10.21
N LEU B 214 7.70 -1.20 -9.11
CA LEU B 214 8.75 -2.20 -8.89
C LEU B 214 8.42 -3.46 -9.71
N TYR B 215 9.02 -3.60 -10.88
CA TYR B 215 8.61 -4.61 -11.87
C TYR B 215 9.45 -5.88 -11.70
N ILE B 216 9.24 -6.58 -10.59
CA ILE B 216 10.00 -7.79 -10.30
C ILE B 216 9.05 -8.88 -9.83
N CYS B 217 9.45 -10.14 -10.10
CA CYS B 217 8.56 -11.28 -9.95
C CYS B 217 9.29 -12.40 -9.21
N ALA B 218 8.73 -12.86 -8.08
CA ALA B 218 9.40 -13.84 -7.25
C ALA B 218 9.85 -15.06 -8.05
N THR B 219 8.98 -15.54 -8.93
CA THR B 219 9.19 -16.79 -9.65
C THR B 219 10.08 -16.58 -10.88
N GLY B 220 10.06 -15.38 -11.45
CA GLY B 220 10.65 -15.18 -12.76
C GLY B 220 11.89 -14.32 -12.82
N THR B 221 12.03 -13.36 -11.89
CA THR B 221 13.13 -12.40 -11.93
C THR B 221 14.38 -13.06 -11.33
N THR B 222 15.39 -13.31 -12.17
CA THR B 222 16.55 -14.06 -11.72
C THR B 222 17.68 -13.18 -11.18
N LYS B 223 17.87 -11.98 -11.72
CA LYS B 223 19.06 -11.21 -11.39
C LYS B 223 18.88 -9.77 -11.86
N ILE B 224 19.60 -8.88 -11.20
CA ILE B 224 19.64 -7.46 -11.53
C ILE B 224 21.07 -7.10 -11.94
N GLU B 225 21.19 -6.29 -12.98
CA GLU B 225 22.47 -5.72 -13.38
C GLU B 225 22.30 -4.22 -13.58
N ASP B 226 23.42 -3.48 -13.53
CA ASP B 226 23.41 -2.04 -13.80
C ASP B 226 23.41 -1.81 -15.30
N LYS B 227 23.42 -0.54 -15.72
CA LYS B 227 23.32 -0.26 -17.14
C LYS B 227 24.67 -0.35 -17.87
N ASP B 228 25.65 -1.01 -17.26
CA ASP B 228 26.89 -1.39 -17.93
C ASP B 228 27.13 -2.89 -17.88
N GLY B 229 26.14 -3.68 -17.48
CA GLY B 229 26.28 -5.12 -17.43
C GLY B 229 26.78 -5.70 -16.12
N ASN B 230 27.16 -4.87 -15.14
CA ASN B 230 27.75 -5.37 -13.90
C ASN B 230 26.67 -5.94 -12.98
N PRO B 231 26.93 -7.10 -12.38
CA PRO B 231 25.94 -7.71 -11.48
C PRO B 231 25.77 -6.90 -10.21
N VAL B 232 24.54 -6.48 -9.94
CA VAL B 232 24.23 -5.84 -8.66
C VAL B 232 24.31 -6.89 -7.56
N ASP B 233 24.65 -6.45 -6.36
CA ASP B 233 24.73 -7.37 -5.23
C ASP B 233 23.43 -8.17 -5.12
N PRO B 234 23.50 -9.51 -5.11
CA PRO B 234 22.27 -10.31 -5.08
C PRO B 234 21.37 -10.04 -3.88
N GLU B 235 21.90 -9.44 -2.81
CA GLU B 235 21.04 -9.04 -1.71
C GLU B 235 20.01 -8.00 -2.12
N VAL B 236 20.28 -7.24 -3.17
CA VAL B 236 19.37 -6.17 -3.55
C VAL B 236 18.09 -6.76 -4.11
N LEU B 237 18.20 -7.67 -5.09
CA LEU B 237 17.02 -8.35 -5.59
C LEU B 237 16.28 -9.06 -4.46
N GLN B 238 17.03 -9.69 -3.56
CA GLN B 238 16.40 -10.47 -2.49
C GLN B 238 15.61 -9.59 -1.55
N GLU B 239 16.11 -8.40 -1.25
CA GLU B 239 15.44 -7.57 -0.25
C GLU B 239 14.29 -6.77 -0.85
N LEU B 240 14.40 -6.40 -2.13
CA LEU B 240 13.27 -5.82 -2.84
C LEU B 240 12.12 -6.82 -2.93
N MET B 241 12.45 -8.10 -3.16
CA MET B 241 11.42 -9.12 -3.30
C MET B 241 10.72 -9.36 -1.97
N ALA B 242 11.49 -9.38 -0.88
CA ALA B 242 10.89 -9.51 0.44
C ALA B 242 9.90 -8.38 0.71
N ALA B 243 10.21 -7.17 0.26
CA ALA B 243 9.34 -6.05 0.59
C ALA B 243 8.09 -6.00 -0.30
N THR B 244 8.01 -6.81 -1.36
CA THR B 244 6.80 -6.85 -2.18
C THR B 244 5.68 -7.64 -1.54
N GLY B 245 5.99 -8.50 -0.58
CA GLY B 245 5.01 -9.42 -0.05
C GLY B 245 4.91 -10.74 -0.78
N GLN B 246 5.57 -10.88 -1.94
CA GLN B 246 5.42 -12.09 -2.76
C GLN B 246 6.01 -13.33 -2.10
N LEU B 247 6.80 -13.19 -1.04
CA LEU B 247 7.47 -14.30 -0.39
C LEU B 247 6.79 -14.70 0.91
N ASP B 248 5.61 -14.17 1.17
CA ASP B 248 4.86 -14.51 2.37
C ASP B 248 3.99 -15.73 2.08
N PRO B 249 4.40 -16.92 2.52
CA PRO B 249 3.65 -18.14 2.17
C PRO B 249 2.22 -18.19 2.71
N GLU B 250 1.84 -17.29 3.61
CA GLU B 250 0.50 -17.28 4.15
C GLU B 250 -0.35 -16.10 3.67
N TYR B 251 0.21 -15.24 2.79
CA TYR B 251 -0.57 -14.26 2.04
C TYR B 251 -1.27 -13.26 2.97
N GLN B 252 -0.56 -12.83 4.01
CA GLN B 252 -1.09 -11.88 4.98
C GLN B 252 -0.45 -10.51 4.86
N SER B 253 0.36 -10.29 3.84
CA SER B 253 1.00 -9.00 3.65
C SER B 253 -0.04 -7.90 3.48
N PRO B 254 0.22 -6.69 3.97
CA PRO B 254 -0.73 -5.59 3.76
C PRO B 254 -0.83 -5.19 2.31
N PHE B 255 0.15 -5.55 1.48
CA PHE B 255 0.14 -5.23 0.06
C PHE B 255 -0.72 -6.18 -0.77
N ILE B 256 -1.26 -7.22 -0.15
CA ILE B 256 -1.96 -8.29 -0.85
C ILE B 256 -3.45 -8.03 -0.79
N HIS B 257 -4.06 -7.87 -1.97
CA HIS B 257 -5.49 -7.73 -2.09
C HIS B 257 -6.10 -9.03 -2.60
N THR B 258 -7.19 -9.47 -1.97
CA THR B 258 -7.90 -10.67 -2.37
C THR B 258 -9.13 -10.31 -3.20
N GLN B 259 -9.31 -10.99 -4.34
CA GLN B 259 -10.49 -10.81 -5.16
C GLN B 259 -11.09 -12.18 -5.44
N HIS B 260 -12.28 -12.43 -4.92
CA HIS B 260 -12.93 -13.73 -5.08
C HIS B 260 -13.74 -13.73 -6.36
N TYR B 261 -13.67 -14.85 -7.08
CA TYR B 261 -14.42 -15.01 -8.33
C TYR B 261 -15.91 -15.08 -8.04
N GLN B 262 -16.72 -14.46 -8.91
CA GLN B 262 -18.16 -14.69 -8.91
C GLN B 262 -18.63 -14.89 -10.34
N VAL B 263 -19.37 -16.00 -10.57
CA VAL B 263 -19.83 -16.34 -11.91
C VAL B 263 -20.54 -15.15 -12.54
N GLY B 264 -20.11 -14.78 -13.75
CA GLY B 264 -20.68 -13.67 -14.46
C GLY B 264 -20.05 -12.33 -14.19
N ASP B 265 -19.28 -12.18 -13.10
CA ASP B 265 -18.62 -10.93 -12.79
C ASP B 265 -17.23 -10.92 -13.44
N ILE B 266 -16.97 -9.96 -14.31
CA ILE B 266 -15.71 -9.88 -15.04
C ILE B 266 -14.71 -9.05 -14.24
N ILE B 267 -13.55 -9.64 -13.97
N ILE B 267 -13.56 -9.65 -13.91
CA ILE B 267 -12.45 -8.99 -13.26
CA ILE B 267 -12.50 -8.91 -13.24
C ILE B 267 -11.50 -8.40 -14.31
C ILE B 267 -11.52 -8.40 -14.28
N LEU B 268 -11.25 -7.09 -14.23
CA LEU B 268 -10.51 -6.40 -15.27
C LEU B 268 -9.46 -5.52 -14.59
N TRP B 269 -8.22 -5.58 -15.06
CA TRP B 269 -7.18 -4.91 -14.28
C TRP B 269 -6.01 -4.45 -15.13
N ASP B 270 -5.25 -3.53 -14.54
CA ASP B 270 -4.04 -2.94 -15.09
C ASP B 270 -2.89 -3.92 -14.88
N ASN B 271 -2.41 -4.52 -15.97
CA ASN B 271 -1.37 -5.55 -15.96
C ASN B 271 0.03 -4.95 -15.91
N ARG B 272 0.16 -3.63 -15.82
CA ARG B 272 1.44 -2.99 -15.55
C ARG B 272 1.72 -2.84 -14.06
N VAL B 273 0.70 -2.54 -13.27
CA VAL B 273 0.92 -2.12 -11.90
C VAL B 273 0.57 -3.20 -10.87
N LEU B 274 -0.18 -4.22 -11.25
CA LEU B 274 -0.54 -5.31 -10.35
C LEU B 274 0.21 -6.58 -10.72
N MET B 275 0.70 -7.28 -9.70
CA MET B 275 1.23 -8.63 -9.78
C MET B 275 0.18 -9.56 -9.18
N HIS B 276 -0.07 -10.71 -9.81
CA HIS B 276 -1.18 -11.53 -9.34
C HIS B 276 -0.82 -13.00 -9.32
N ARG B 277 -1.65 -13.77 -8.60
CA ARG B 277 -1.55 -15.23 -8.56
C ARG B 277 -2.90 -15.81 -8.14
N ALA B 278 -3.08 -17.10 -8.44
CA ALA B 278 -4.33 -17.79 -8.15
C ALA B 278 -4.49 -18.09 -6.65
N LYS B 279 -5.70 -17.87 -6.15
CA LYS B 279 -6.09 -18.27 -4.80
C LYS B 279 -6.89 -19.57 -4.88
N HIS B 280 -6.28 -20.66 -4.41
CA HIS B 280 -6.95 -21.97 -4.45
C HIS B 280 -7.92 -22.07 -3.28
N GLY B 285 -14.42 -28.72 -6.43
CA GLY B 285 -15.41 -28.53 -7.47
C GLY B 285 -14.80 -28.20 -8.82
N THR B 286 -15.60 -27.64 -9.72
CA THR B 286 -15.19 -27.34 -11.09
C THR B 286 -14.96 -25.84 -11.24
N LEU B 287 -13.75 -25.48 -11.66
CA LEU B 287 -13.37 -24.09 -11.93
C LEU B 287 -13.18 -23.93 -13.43
N THR B 288 -13.79 -22.89 -14.02
CA THR B 288 -13.58 -22.62 -15.44
C THR B 288 -13.65 -21.13 -15.67
N THR B 289 -12.56 -20.53 -16.17
CA THR B 289 -12.50 -19.10 -16.43
C THR B 289 -12.05 -18.84 -17.86
N TYR B 290 -12.56 -17.78 -18.46
CA TYR B 290 -12.11 -17.30 -19.76
C TYR B 290 -11.34 -16.01 -19.55
N ARG B 291 -10.29 -15.82 -20.34
CA ARG B 291 -9.41 -14.68 -20.18
C ARG B 291 -9.05 -14.05 -21.52
N LEU B 292 -9.00 -12.72 -21.53
CA LEU B 292 -8.70 -11.92 -22.70
C LEU B 292 -7.68 -10.87 -22.31
N THR B 293 -6.67 -10.66 -23.15
CA THR B 293 -5.57 -9.76 -22.82
C THR B 293 -5.36 -8.75 -23.95
N MET B 294 -5.11 -7.49 -23.58
CA MET B 294 -5.12 -6.40 -24.55
C MET B 294 -3.91 -5.49 -24.38
N LEU B 295 -3.42 -4.98 -25.53
CA LEU B 295 -2.48 -3.86 -25.60
C LEU B 295 -3.26 -2.54 -25.64
N ASP B 296 -2.60 -1.47 -25.20
CA ASP B 296 -3.19 -0.14 -25.27
C ASP B 296 -2.39 0.81 -26.15
N GLY B 297 -1.38 0.33 -26.86
CA GLY B 297 -0.61 1.21 -27.70
C GLY B 297 0.34 2.13 -26.98
N LEU B 298 0.34 2.11 -25.65
CA LEU B 298 1.34 2.89 -24.93
C LEU B 298 2.56 2.01 -24.66
N LYS B 299 3.69 2.66 -24.41
CA LYS B 299 4.93 2.01 -24.01
C LYS B 299 4.68 0.89 -23.01
N THR B 300 5.08 -0.33 -23.38
CA THR B 300 4.88 -1.45 -22.48
C THR B 300 6.21 -2.13 -22.16
N PRO B 301 6.45 -2.51 -20.90
CA PRO B 301 5.56 -2.29 -19.75
C PRO B 301 5.56 -0.81 -19.29
N GLY B 302 6.60 -0.07 -19.60
CA GLY B 302 6.64 1.33 -19.25
C GLY B 302 8.01 1.90 -19.53
N TYR B 303 8.18 3.16 -19.15
CA TYR B 303 9.46 3.85 -19.33
C TYR B 303 10.42 3.45 -18.22
N ALA B 304 11.71 3.53 -18.52
CA ALA B 304 12.71 3.20 -17.51
C ALA B 304 12.80 4.30 -16.46
N ALA B 305 12.93 3.90 -15.21
CA ALA B 305 13.08 4.85 -14.12
C ALA B 305 14.27 4.45 -13.24
FE FE2 C . 2.79 14.29 14.02
C10 VY9 D . 2.02 15.98 6.25
C13 VY9 D . -1.47 14.06 6.50
C15 VY9 D . -3.79 13.40 7.52
C11 VY9 D . 0.92 14.91 5.95
C12 VY9 D . -0.36 15.11 6.81
C14 VY9 D . -2.84 14.52 7.06
C16 VY9 D . -4.00 12.35 6.43
C02 VY9 D . 3.62 18.01 8.19
C03 VY9 D . 3.95 16.56 7.85
C04 VY9 D . 2.71 15.69 7.60
C06 VY9 D . 3.74 13.90 8.90
C07 VY9 D . 3.47 12.41 9.17
N05 VY9 D . 3.03 14.26 7.68
O01 VY9 D . 2.77 18.27 9.09
O08 VY9 D . 2.43 11.87 8.73
O09 VY9 D . 4.27 11.72 9.83
O17 VY9 D . 4.18 18.96 7.57
FE FE2 E . -2.27 -14.55 -14.96
C10 VY9 F . 2.89 -19.80 -18.27
C13 VY9 F . 5.56 -18.00 -16.30
C15 VY9 F . 7.00 -16.22 -15.21
C11 VY9 F . 4.23 -19.04 -18.21
C12 VY9 F . 4.24 -17.96 -17.10
C14 VY9 F . 6.37 -16.72 -16.52
C16 VY9 F . 7.92 -15.06 -15.54
C02 VY9 F . 0.20 -20.81 -17.17
C03 VY9 F . 0.37 -19.70 -18.22
C04 VY9 F . 1.66 -18.90 -18.01
C06 VY9 F . 0.56 -16.80 -18.59
C07 VY9 F . 0.86 -15.39 -19.11
N05 VY9 F . 1.68 -17.70 -18.87
O01 VY9 F . 0.25 -20.51 -15.94
O08 VY9 F . 1.98 -14.84 -19.01
O09 VY9 F . -0.05 -14.75 -19.67
O17 VY9 F . -0.02 -22.01 -17.51
#